data_7MLO
#
_entry.id   7MLO
#
_cell.length_a   38.407
_cell.length_b   56.496
_cell.length_c   126.903
_cell.angle_alpha   90.000
_cell.angle_beta   93.340
_cell.angle_gamma   90.000
#
_symmetry.space_group_name_H-M   'P 1 21 1'
#
loop_
_entity.id
_entity.type
_entity.pdbx_description
1 polymer Ricin
2 non-polymer '5-(2,4,6-trimethylphenyl)thiophene-2-carboxylic acid'
3 non-polymer 1,2-ETHANEDIOL
4 non-polymer 'SULFATE ION'
5 water water
#
_entity_poly.entity_id   1
_entity_poly.type   'polypeptide(L)'
_entity_poly.pdbx_seq_one_letter_code
;MIFPKQYPIINFTTAGATVQSYTNFIRAVRGRLTTGADVRHEIPVLPNRVGLPINQRFILVELSNHAELSVTLALDVTNA
YVVGYRAGNSAYFFHPDNQEDAEAITHLFTDVQNRYTFAFGGNYDRLEQLAGNLRENIELGNGPLEEAISALYYYSTGGT
QLPTLARSFIICIQMISEAARFQYIEGEMRTRIRYNRRSAPDPSVITLENSWGRLSTAIQESNQGAFASPIQLQRRNGSK
FSVYDVSILIPIIALMVYRCAPPPSSQF
;
_entity_poly.pdbx_strand_id   A,B
#
loop_
_chem_comp.id
_chem_comp.type
_chem_comp.name
_chem_comp.formula
EDO non-polymer 1,2-ETHANEDIOL 'C2 H6 O2'
SO4 non-polymer 'SULFATE ION' 'O4 S -2'
ZJ7 non-polymer '5-(2,4,6-trimethylphenyl)thiophene-2-carboxylic acid' 'C14 H14 O2 S'
#
# COMPACT_ATOMS: atom_id res chain seq x y z
N LYS A 5 15.44 10.25 -31.19
CA LYS A 5 15.44 9.16 -30.20
C LYS A 5 14.00 8.95 -29.70
N GLN A 6 13.60 7.69 -29.57
CA GLN A 6 12.26 7.32 -29.11
C GLN A 6 12.35 7.00 -27.63
N TYR A 7 11.45 7.58 -26.86
CA TYR A 7 11.24 7.24 -25.45
C TYR A 7 9.86 6.65 -25.27
N PRO A 8 9.65 5.86 -24.20
CA PRO A 8 8.33 5.30 -23.91
C PRO A 8 7.30 6.44 -23.74
N ILE A 9 6.11 6.23 -24.30
CA ILE A 9 5.04 7.26 -24.29
C ILE A 9 3.82 6.64 -23.63
N ILE A 10 3.22 7.39 -22.72
CA ILE A 10 1.95 7.02 -22.04
C ILE A 10 0.94 8.10 -22.42
N ASN A 11 -0.22 7.69 -22.94
CA ASN A 11 -1.31 8.61 -23.37
C ASN A 11 -2.32 8.76 -22.23
N PHE A 12 -2.83 9.98 -22.04
CA PHE A 12 -4.04 10.26 -21.24
C PHE A 12 -4.88 11.31 -21.97
N THR A 13 -6.21 11.19 -21.89
CA THR A 13 -7.13 12.21 -22.39
C THR A 13 -8.12 12.58 -21.29
N THR A 14 -8.40 13.87 -21.16
CA THR A 14 -9.45 14.41 -20.27
C THR A 14 -10.83 14.10 -20.88
N ALA A 15 -10.88 13.79 -22.17
CA ALA A 15 -12.15 13.59 -22.91
C ALA A 15 -12.75 12.23 -22.50
N GLY A 16 -13.87 12.25 -21.78
CA GLY A 16 -14.52 11.05 -21.21
C GLY A 16 -13.61 10.36 -20.20
N ALA A 17 -12.81 11.13 -19.47
CA ALA A 17 -11.96 10.66 -18.36
C ALA A 17 -12.83 10.05 -17.28
N THR A 18 -12.37 8.94 -16.73
CA THR A 18 -12.98 8.20 -15.60
C THR A 18 -11.91 8.00 -14.53
N VAL A 19 -12.34 7.68 -13.33
CA VAL A 19 -11.45 7.18 -12.23
C VAL A 19 -10.53 6.09 -12.79
N GLN A 20 -11.05 5.11 -13.52
CA GLN A 20 -10.20 3.99 -14.02
C GLN A 20 -9.19 4.46 -15.09
N SER A 21 -9.56 5.31 -16.06
CA SER A 21 -8.63 5.74 -17.12
C SER A 21 -7.46 6.54 -16.50
N TYR A 22 -7.76 7.36 -15.50
CA TYR A 22 -6.76 8.20 -14.76
C TYR A 22 -5.87 7.24 -13.98
N THR A 23 -6.48 6.26 -13.31
CA THR A 23 -5.73 5.27 -12.51
C THR A 23 -4.83 4.44 -13.44
N ASN A 24 -5.35 3.97 -14.59
CA ASN A 24 -4.55 3.16 -15.56
C ASN A 24 -3.37 4.01 -16.06
N PHE A 25 -3.59 5.31 -16.27
CA PHE A 25 -2.55 6.26 -16.72
C PHE A 25 -1.44 6.35 -15.67
N ILE A 26 -1.79 6.63 -14.43
CA ILE A 26 -0.77 6.83 -13.34
C ILE A 26 -0.02 5.51 -13.07
N ARG A 27 -0.71 4.37 -13.13
CA ARG A 27 -0.05 3.05 -12.97
C ARG A 27 0.96 2.82 -14.10
N ALA A 28 0.60 3.19 -15.33
CA ALA A 28 1.49 3.06 -16.51
C ALA A 28 2.71 3.96 -16.28
N VAL A 29 2.50 5.18 -15.80
CA VAL A 29 3.62 6.13 -15.56
C VAL A 29 4.58 5.52 -14.52
N ARG A 30 4.08 5.03 -13.39
CA ARG A 30 4.95 4.44 -12.34
C ARG A 30 5.70 3.24 -12.91
N GLY A 31 5.00 2.44 -13.71
CA GLY A 31 5.57 1.23 -14.34
C GLY A 31 6.78 1.56 -15.18
N ARG A 32 6.75 2.68 -15.91
CA ARG A 32 7.83 3.10 -16.83
C ARG A 32 8.94 3.87 -16.09
N LEU A 33 8.65 4.41 -14.90
CA LEU A 33 9.64 5.21 -14.13
C LEU A 33 10.65 4.29 -13.46
N THR A 34 10.18 3.11 -13.02
CA THR A 34 10.93 2.13 -12.18
C THR A 34 11.32 0.87 -12.97
N THR A 35 12.53 0.36 -12.72
CA THR A 35 13.01 -0.97 -13.19
C THR A 35 12.44 -2.07 -12.28
N GLY A 36 12.06 -1.73 -11.03
CA GLY A 36 11.59 -2.67 -10.00
C GLY A 36 12.72 -3.26 -9.15
N ALA A 37 13.95 -3.22 -9.68
CA ALA A 37 15.17 -3.86 -9.11
C ALA A 37 15.50 -3.28 -7.73
N ASP A 38 15.34 -1.96 -7.53
CA ASP A 38 15.69 -1.26 -6.28
C ASP A 38 14.41 -0.97 -5.47
N VAL A 39 14.30 -1.57 -4.29
CA VAL A 39 13.13 -1.44 -3.36
C VAL A 39 13.68 -1.35 -1.94
N ARG A 40 13.34 -0.30 -1.19
CA ARG A 40 13.77 -0.14 0.22
C ARG A 40 12.51 -0.05 1.08
N HIS A 41 12.39 -0.94 2.07
CA HIS A 41 11.19 -1.03 2.94
C HIS A 41 9.95 -1.04 2.07
N GLU A 42 9.97 -1.83 0.99
CA GLU A 42 8.79 -2.13 0.13
C GLU A 42 8.52 -0.97 -0.82
N ILE A 43 9.30 0.12 -0.75
CA ILE A 43 9.06 1.30 -1.64
C ILE A 43 10.11 1.35 -2.74
N PRO A 44 9.69 1.32 -4.03
CA PRO A 44 10.62 1.41 -5.15
C PRO A 44 11.41 2.73 -5.14
N VAL A 45 12.69 2.63 -5.48
CA VAL A 45 13.65 3.75 -5.67
C VAL A 45 13.82 3.94 -7.17
N LEU A 46 13.66 5.18 -7.63
CA LEU A 46 13.93 5.55 -9.04
C LEU A 46 15.39 5.30 -9.37
N PRO A 47 15.72 5.08 -10.66
CA PRO A 47 17.09 4.87 -11.11
C PRO A 47 18.04 5.97 -10.66
N ASN A 48 19.28 5.57 -10.37
CA ASN A 48 20.39 6.50 -10.09
C ASN A 48 20.71 7.26 -11.38
N ARG A 49 20.76 8.59 -11.26
CA ARG A 49 21.19 9.54 -12.32
C ARG A 49 22.60 9.17 -12.82
N VAL A 50 23.49 8.85 -11.89
CA VAL A 50 24.92 8.54 -12.20
C VAL A 50 24.99 7.25 -13.02
N GLY A 51 25.51 7.34 -14.25
CA GLY A 51 25.79 6.19 -15.12
C GLY A 51 24.58 5.78 -15.94
N LEU A 52 23.47 6.52 -15.88
CA LEU A 52 22.19 6.14 -16.51
C LEU A 52 22.26 6.47 -18.00
N PRO A 53 22.21 5.46 -18.90
CA PRO A 53 22.15 5.71 -20.34
C PRO A 53 21.05 6.70 -20.74
N ILE A 54 21.41 7.61 -21.64
CA ILE A 54 20.53 8.71 -22.12
C ILE A 54 19.27 8.10 -22.74
N ASN A 55 19.38 6.93 -23.37
CA ASN A 55 18.24 6.23 -24.01
C ASN A 55 17.21 5.80 -22.95
N GLN A 56 17.56 5.77 -21.66
CA GLN A 56 16.70 5.31 -20.54
C GLN A 56 16.35 6.49 -19.61
N ARG A 57 16.63 7.73 -20.00
CA ARG A 57 16.65 8.87 -19.04
C ARG A 57 15.26 9.51 -18.90
N PHE A 58 14.44 9.40 -19.94
CA PHE A 58 13.14 10.12 -20.04
C PHE A 58 11.99 9.18 -20.39
N ILE A 59 10.80 9.58 -19.96
CA ILE A 59 9.53 9.03 -20.48
C ILE A 59 8.67 10.20 -20.91
N LEU A 60 7.72 9.93 -21.78
CA LEU A 60 6.87 10.96 -22.40
C LEU A 60 5.43 10.68 -22.00
N VAL A 61 4.71 11.74 -21.64
CA VAL A 61 3.28 11.69 -21.31
C VAL A 61 2.56 12.53 -22.34
N GLU A 62 1.77 11.90 -23.19
CA GLU A 62 0.95 12.64 -24.19
C GLU A 62 -0.44 12.87 -23.61
N LEU A 63 -0.84 14.14 -23.57
CA LEU A 63 -2.08 14.61 -22.93
C LEU A 63 -2.95 15.22 -24.02
N SER A 64 -4.19 14.77 -24.10
CA SER A 64 -5.18 15.29 -25.08
C SER A 64 -6.44 15.72 -24.32
N ASN A 65 -7.18 16.66 -24.87
CA ASN A 65 -8.38 17.18 -24.15
C ASN A 65 -9.58 17.11 -25.10
N HIS A 66 -10.71 17.63 -24.67
CA HIS A 66 -12.00 17.60 -25.40
C HIS A 66 -11.84 18.38 -26.71
N ALA A 67 -10.96 19.38 -26.75
CA ALA A 67 -10.72 20.22 -27.94
C ALA A 67 -9.83 19.47 -28.94
N GLU A 68 -9.37 18.27 -28.57
CA GLU A 68 -8.51 17.36 -29.39
C GLU A 68 -7.16 18.04 -29.64
N LEU A 69 -6.74 18.86 -28.69
CA LEU A 69 -5.38 19.43 -28.63
C LEU A 69 -4.51 18.43 -27.87
N SER A 70 -3.28 18.22 -28.30
CA SER A 70 -2.31 17.29 -27.67
C SER A 70 -1.04 18.05 -27.32
N VAL A 71 -0.51 17.76 -26.13
CA VAL A 71 0.84 18.20 -25.72
C VAL A 71 1.55 16.97 -25.14
N THR A 72 2.85 16.88 -25.33
CA THR A 72 3.70 15.77 -24.81
C THR A 72 4.63 16.32 -23.76
N LEU A 73 4.48 15.86 -22.52
CA LEU A 73 5.37 16.28 -21.42
C LEU A 73 6.52 15.28 -21.35
N ALA A 74 7.74 15.75 -21.15
CA ALA A 74 8.90 14.89 -20.88
C ALA A 74 9.11 14.82 -19.37
N LEU A 75 9.23 13.60 -18.84
CA LEU A 75 9.53 13.37 -17.40
C LEU A 75 10.94 12.77 -17.31
N ASP A 76 11.70 13.21 -16.34
CA ASP A 76 13.03 12.64 -16.00
C ASP A 76 12.77 11.42 -15.10
N VAL A 77 13.26 10.24 -15.48
CA VAL A 77 12.96 8.98 -14.74
C VAL A 77 13.64 9.02 -13.37
N THR A 78 14.68 9.85 -13.19
CA THR A 78 15.44 9.91 -11.92
C THR A 78 14.64 10.64 -10.84
N ASN A 79 13.66 11.49 -11.18
CA ASN A 79 12.89 12.24 -10.15
C ASN A 79 11.40 12.34 -10.49
N ALA A 80 10.94 11.76 -11.60
CA ALA A 80 9.54 11.72 -12.08
C ALA A 80 9.03 13.13 -12.43
N TYR A 81 9.93 14.09 -12.58
CA TYR A 81 9.53 15.52 -12.71
C TYR A 81 9.57 15.94 -14.18
N VAL A 82 8.72 16.90 -14.48
CA VAL A 82 8.55 17.42 -15.86
C VAL A 82 9.76 18.31 -16.19
N VAL A 83 10.43 18.07 -17.32
CA VAL A 83 11.63 18.85 -17.71
C VAL A 83 11.29 19.78 -18.89
N GLY A 84 10.18 19.53 -19.57
CA GLY A 84 9.74 20.32 -20.73
C GLY A 84 8.62 19.63 -21.45
N TYR A 85 8.20 20.21 -22.58
CA TYR A 85 7.02 19.69 -23.30
C TYR A 85 7.08 20.14 -24.73
N ARG A 86 6.33 19.39 -25.54
CA ARG A 86 6.17 19.70 -26.97
C ARG A 86 4.71 20.01 -27.24
N ALA A 87 4.49 21.04 -28.07
CA ALA A 87 3.19 21.39 -28.64
C ALA A 87 3.43 21.65 -30.13
N GLY A 88 3.02 20.69 -30.95
CA GLY A 88 3.15 20.75 -32.42
C GLY A 88 4.60 20.94 -32.81
N ASN A 89 4.90 22.08 -33.44
CA ASN A 89 6.25 22.35 -34.01
C ASN A 89 7.17 23.06 -33.02
N SER A 90 6.80 23.17 -31.74
CA SER A 90 7.64 23.85 -30.72
C SER A 90 7.84 22.93 -29.51
N ALA A 91 9.02 23.00 -28.94
CA ALA A 91 9.32 22.34 -27.66
C ALA A 91 9.91 23.38 -26.72
N TYR A 92 9.56 23.25 -25.44
CA TYR A 92 9.91 24.23 -24.39
C TYR A 92 10.52 23.49 -23.23
N PHE A 93 11.62 23.99 -22.71
CA PHE A 93 12.35 23.30 -21.62
C PHE A 93 12.55 24.26 -20.48
N PHE A 94 12.42 23.74 -19.26
CA PHE A 94 12.86 24.49 -18.07
C PHE A 94 14.38 24.67 -18.14
N HIS A 95 14.87 25.75 -17.57
CA HIS A 95 16.31 26.01 -17.46
C HIS A 95 16.93 24.85 -16.69
N PRO A 96 17.88 24.10 -17.28
CA PRO A 96 18.51 22.98 -16.57
C PRO A 96 19.33 23.47 -15.37
N ASP A 97 19.42 22.66 -14.32
CA ASP A 97 20.14 22.99 -13.05
C ASP A 97 21.65 22.99 -13.27
N ASN A 98 22.15 22.18 -14.21
CA ASN A 98 23.58 21.85 -14.40
C ASN A 98 23.83 21.48 -15.86
N GLN A 99 25.09 21.40 -16.29
CA GLN A 99 25.50 21.17 -17.71
C GLN A 99 25.17 19.74 -18.14
N GLU A 100 25.19 18.78 -17.21
CA GLU A 100 24.85 17.37 -17.50
C GLU A 100 23.39 17.29 -17.95
N ASP A 101 22.49 17.97 -17.23
CA ASP A 101 21.04 18.04 -17.56
C ASP A 101 20.82 18.86 -18.85
N ALA A 102 21.57 19.95 -19.03
CA ALA A 102 21.53 20.75 -20.27
C ALA A 102 21.85 19.85 -21.48
N GLU A 103 22.85 18.99 -21.33
CA GLU A 103 23.26 18.04 -22.40
C GLU A 103 22.15 17.00 -22.57
N ALA A 104 21.62 16.45 -21.47
CA ALA A 104 20.58 15.39 -21.48
C ALA A 104 19.36 15.84 -22.30
N ILE A 105 18.88 17.06 -22.11
CA ILE A 105 17.61 17.52 -22.76
C ILE A 105 17.80 17.79 -24.26
N THR A 106 19.03 17.91 -24.75
CA THR A 106 19.28 17.99 -26.22
C THR A 106 18.82 16.69 -26.90
N HIS A 107 18.64 15.60 -26.15
CA HIS A 107 18.16 14.30 -26.68
C HIS A 107 16.63 14.21 -26.72
N LEU A 108 15.89 15.23 -26.24
CA LEU A 108 14.40 15.21 -26.27
C LEU A 108 13.89 15.98 -27.46
N PHE A 109 12.86 15.46 -28.12
CA PHE A 109 12.10 16.18 -29.18
C PHE A 109 13.11 16.67 -30.23
N THR A 110 14.04 15.80 -30.63
CA THR A 110 15.24 16.17 -31.45
C THR A 110 14.81 16.61 -32.85
N ASP A 111 13.61 16.21 -33.30
CA ASP A 111 13.06 16.51 -34.63
C ASP A 111 12.16 17.74 -34.60
N VAL A 112 11.83 18.31 -33.43
CA VAL A 112 10.93 19.51 -33.37
C VAL A 112 11.57 20.69 -34.12
N GLN A 113 10.78 21.50 -34.82
CA GLN A 113 11.32 22.63 -35.62
C GLN A 113 11.85 23.78 -34.73
N ASN A 114 11.20 24.07 -33.61
CA ASN A 114 11.58 25.19 -32.71
C ASN A 114 11.81 24.68 -31.30
N ARG A 115 12.97 24.96 -30.73
CA ARG A 115 13.31 24.59 -29.34
C ARG A 115 13.51 25.88 -28.56
N TYR A 116 12.91 25.96 -27.37
CA TYR A 116 12.98 27.15 -26.50
C TYR A 116 13.42 26.67 -25.13
N THR A 117 14.35 27.38 -24.50
CA THR A 117 14.67 27.13 -23.09
C THR A 117 14.25 28.36 -22.29
N PHE A 118 13.43 28.15 -21.28
CA PHE A 118 13.03 29.21 -20.34
C PHE A 118 14.23 29.61 -19.46
N ALA A 119 14.22 30.84 -18.95
CA ALA A 119 15.25 31.36 -18.03
C ALA A 119 15.02 30.74 -16.64
N PHE A 120 13.81 30.26 -16.37
CA PHE A 120 13.38 29.74 -15.05
C PHE A 120 13.38 28.21 -15.02
N GLY A 121 13.66 27.63 -13.86
CA GLY A 121 13.50 26.18 -13.62
C GLY A 121 12.05 25.82 -13.31
N GLY A 122 11.74 24.53 -13.22
CA GLY A 122 10.37 24.03 -13.02
C GLY A 122 10.00 23.83 -11.55
N ASN A 123 10.84 24.26 -10.62
CA ASN A 123 10.52 24.19 -9.17
C ASN A 123 9.25 25.01 -8.86
N TYR A 124 8.44 24.53 -7.92
CA TYR A 124 7.17 25.18 -7.53
C TYR A 124 7.38 26.62 -7.05
N ASP A 125 8.47 26.91 -6.33
CA ASP A 125 8.74 28.28 -5.81
C ASP A 125 8.65 29.25 -7.00
N ARG A 126 9.36 28.96 -8.09
CA ARG A 126 9.45 29.87 -9.26
C ARG A 126 8.11 29.85 -10.01
N LEU A 127 7.53 28.66 -10.22
CA LEU A 127 6.27 28.54 -10.99
C LEU A 127 5.14 29.27 -10.25
N GLU A 128 5.12 29.20 -8.92
CA GLU A 128 4.08 29.92 -8.13
C GLU A 128 4.23 31.44 -8.30
N GLN A 129 5.47 31.94 -8.35
CA GLN A 129 5.75 33.39 -8.52
C GLN A 129 5.29 33.83 -9.90
N LEU A 130 5.57 33.05 -10.94
CA LEU A 130 5.10 33.38 -12.31
C LEU A 130 3.57 33.33 -12.41
N ALA A 131 2.94 32.34 -11.77
CA ALA A 131 1.48 32.12 -11.80
C ALA A 131 0.77 33.23 -11.02
N GLY A 132 1.45 33.84 -10.04
CA GLY A 132 0.85 34.79 -9.09
C GLY A 132 -0.03 34.08 -8.06
N ASN A 133 0.18 32.78 -7.84
CA ASN A 133 -0.63 31.97 -6.91
C ASN A 133 0.16 30.76 -6.41
N LEU A 134 -0.03 30.45 -5.13
CA LEU A 134 0.48 29.22 -4.48
C LEU A 134 -0.34 28.03 -4.98
N ARG A 135 0.22 26.84 -4.89
CA ARG A 135 -0.54 25.57 -5.14
C ARG A 135 -1.85 25.53 -4.33
N GLU A 136 -1.89 26.04 -3.10
CA GLU A 136 -3.09 25.91 -2.23
C GLU A 136 -4.24 26.76 -2.80
N ASN A 137 -3.96 27.64 -3.77
CA ASN A 137 -4.98 28.47 -4.44
C ASN A 137 -5.15 28.09 -5.92
N ILE A 138 -4.63 26.93 -6.35
CA ILE A 138 -4.81 26.48 -7.76
C ILE A 138 -5.62 25.18 -7.75
N GLU A 139 -6.83 25.21 -8.31
CA GLU A 139 -7.73 24.04 -8.34
C GLU A 139 -7.15 22.96 -9.26
N LEU A 140 -7.38 21.72 -8.86
CA LEU A 140 -6.97 20.51 -9.59
C LEU A 140 -8.22 19.67 -9.89
N GLY A 141 -8.11 18.82 -10.91
CA GLY A 141 -9.22 18.03 -11.41
C GLY A 141 -9.14 17.88 -12.91
N ASN A 142 -10.12 17.21 -13.47
CA ASN A 142 -10.18 16.96 -14.92
C ASN A 142 -10.36 18.30 -15.64
N GLY A 143 -11.14 19.20 -15.08
CA GLY A 143 -11.40 20.52 -15.70
C GLY A 143 -10.13 21.37 -15.75
N PRO A 144 -9.43 21.57 -14.61
CA PRO A 144 -8.15 22.26 -14.62
C PRO A 144 -7.14 21.62 -15.58
N LEU A 145 -7.10 20.30 -15.64
CA LEU A 145 -6.16 19.62 -16.59
C LEU A 145 -6.54 19.93 -18.04
N GLU A 146 -7.83 19.81 -18.40
CA GLU A 146 -8.36 20.19 -19.73
C GLU A 146 -7.87 21.60 -20.07
N GLU A 147 -8.02 22.55 -19.16
CA GLU A 147 -7.63 23.97 -19.36
C GLU A 147 -6.10 24.09 -19.50
N ALA A 148 -5.33 23.35 -18.70
CA ALA A 148 -3.86 23.41 -18.71
C ALA A 148 -3.34 22.91 -20.07
N ILE A 149 -3.93 21.83 -20.61
CA ILE A 149 -3.54 21.27 -21.93
C ILE A 149 -3.75 22.35 -22.98
N SER A 150 -4.91 23.01 -22.99
CA SER A 150 -5.17 24.07 -23.99
C SER A 150 -4.13 25.18 -23.82
N ALA A 151 -3.90 25.63 -22.58
CA ALA A 151 -2.95 26.71 -22.28
C ALA A 151 -1.54 26.33 -22.82
N LEU A 152 -1.06 25.12 -22.55
CA LEU A 152 0.29 24.65 -22.98
C LEU A 152 0.34 24.64 -24.50
N TYR A 153 -0.73 24.17 -25.15
CA TYR A 153 -0.80 24.05 -26.62
C TYR A 153 -0.74 25.45 -27.24
N TYR A 154 -1.51 26.41 -26.73
CA TYR A 154 -1.63 27.75 -27.36
C TYR A 154 -0.46 28.66 -26.97
N TYR A 155 0.45 28.26 -26.08
CA TYR A 155 1.69 29.04 -25.86
C TYR A 155 2.51 29.10 -27.17
N SER A 156 2.37 28.10 -28.05
CA SER A 156 3.21 27.91 -29.27
C SER A 156 2.94 29.01 -30.31
N THR A 157 1.81 29.71 -30.18
CA THR A 157 1.45 30.90 -31.01
C THR A 157 1.13 32.10 -30.10
N GLY A 158 1.62 32.10 -28.86
CA GLY A 158 1.44 33.19 -27.89
C GLY A 158 0.00 33.44 -27.44
N GLY A 159 -0.94 32.53 -27.75
CA GLY A 159 -2.32 32.59 -27.24
C GLY A 159 -2.41 32.38 -25.73
N THR A 160 -1.27 32.22 -25.03
CA THR A 160 -1.23 31.99 -23.56
C THR A 160 -0.21 32.92 -22.88
N GLN A 161 -0.63 33.66 -21.85
CA GLN A 161 0.29 34.55 -21.09
C GLN A 161 1.08 33.68 -20.10
N LEU A 162 2.25 34.14 -19.68
CA LEU A 162 3.20 33.39 -18.80
C LEU A 162 2.54 32.97 -17.49
N PRO A 163 1.72 33.80 -16.79
CA PRO A 163 1.12 33.35 -15.53
C PRO A 163 0.20 32.14 -15.74
N THR A 164 -0.56 32.13 -16.84
CA THR A 164 -1.46 31.01 -17.18
C THR A 164 -0.63 29.78 -17.54
N LEU A 165 0.48 29.97 -18.26
CA LEU A 165 1.42 28.86 -18.57
C LEU A 165 1.92 28.26 -17.26
N ALA A 166 2.42 29.11 -16.35
CA ALA A 166 3.00 28.66 -15.06
C ALA A 166 1.92 27.91 -14.27
N ARG A 167 0.70 28.44 -14.19
CA ARG A 167 -0.41 27.77 -13.47
C ARG A 167 -0.65 26.40 -14.11
N SER A 168 -0.66 26.33 -15.45
CA SER A 168 -0.84 25.07 -16.20
C SER A 168 0.25 24.04 -15.84
N PHE A 169 1.52 24.47 -15.74
CA PHE A 169 2.61 23.54 -15.34
C PHE A 169 2.35 23.06 -13.92
N ILE A 170 1.86 23.93 -13.03
CA ILE A 170 1.62 23.52 -11.61
C ILE A 170 0.53 22.43 -11.61
N ILE A 171 -0.51 22.58 -12.41
CA ILE A 171 -1.62 21.58 -12.49
C ILE A 171 -1.06 20.24 -13.02
N CYS A 172 -0.32 20.26 -14.12
CA CYS A 172 0.20 19.06 -14.81
C CYS A 172 1.16 18.32 -13.89
N ILE A 173 2.06 19.07 -13.24
CA ILE A 173 3.11 18.44 -12.40
C ILE A 173 2.41 17.70 -11.25
N GLN A 174 1.42 18.31 -10.63
CA GLN A 174 0.78 17.67 -9.46
C GLN A 174 -0.03 16.46 -9.91
N MET A 175 -0.76 16.57 -11.01
CA MET A 175 -1.75 15.52 -11.38
C MET A 175 -1.02 14.34 -12.05
N ILE A 176 0.25 14.53 -12.43
CA ILE A 176 1.04 13.48 -13.11
C ILE A 176 2.20 13.05 -12.22
N SER A 177 3.18 13.93 -12.04
CA SER A 177 4.43 13.66 -11.29
C SER A 177 4.09 13.33 -9.82
N GLU A 178 3.35 14.18 -9.13
CA GLU A 178 3.13 14.00 -7.68
C GLU A 178 2.18 12.82 -7.46
N ALA A 179 1.20 12.60 -8.33
CA ALA A 179 0.31 11.42 -8.29
C ALA A 179 1.17 10.15 -8.49
N ALA A 180 2.15 10.18 -9.41
CA ALA A 180 3.02 9.02 -9.65
C ALA A 180 3.84 8.75 -8.36
N ARG A 181 4.31 9.80 -7.71
CA ARG A 181 5.23 9.67 -6.53
C ARG A 181 4.46 9.18 -5.30
N PHE A 182 3.19 9.53 -5.17
CA PHE A 182 2.41 9.25 -3.93
C PHE A 182 1.07 8.60 -4.26
N GLN A 183 0.79 7.43 -3.67
CA GLN A 183 -0.57 6.83 -3.76
C GLN A 183 -1.60 7.79 -3.17
N TYR A 184 -1.22 8.53 -2.13
CA TYR A 184 -2.12 9.44 -1.40
C TYR A 184 -2.63 10.51 -2.38
N ILE A 185 -1.70 11.05 -3.16
CA ILE A 185 -2.02 12.15 -4.11
C ILE A 185 -2.80 11.57 -5.30
N GLU A 186 -2.43 10.39 -5.80
CA GLU A 186 -3.26 9.68 -6.81
C GLU A 186 -4.71 9.57 -6.28
N GLY A 187 -4.88 9.18 -5.01
CA GLY A 187 -6.19 9.03 -4.35
C GLY A 187 -6.96 10.32 -4.31
N GLU A 188 -6.27 11.42 -3.97
CA GLU A 188 -6.87 12.77 -3.94
C GLU A 188 -7.37 13.14 -5.34
N MET A 189 -6.63 12.79 -6.38
CA MET A 189 -7.05 13.13 -7.77
C MET A 189 -8.21 12.22 -8.16
N ARG A 190 -8.16 10.93 -7.81
CA ARG A 190 -9.24 9.96 -8.13
C ARG A 190 -10.56 10.43 -7.52
N THR A 191 -10.53 10.95 -6.28
CA THR A 191 -11.73 11.47 -5.59
C THR A 191 -12.30 12.67 -6.37
N ARG A 192 -11.43 13.57 -6.85
CA ARG A 192 -11.88 14.74 -7.67
C ARG A 192 -12.55 14.24 -8.95
N ILE A 193 -11.96 13.25 -9.62
CA ILE A 193 -12.45 12.77 -10.94
C ILE A 193 -13.78 12.02 -10.75
N ARG A 194 -13.87 11.19 -9.71
CA ARG A 194 -15.08 10.37 -9.46
C ARG A 194 -16.31 11.27 -9.27
N TYR A 195 -16.17 12.35 -8.50
CA TYR A 195 -17.30 13.16 -7.99
C TYR A 195 -17.41 14.48 -8.76
N ASN A 196 -16.56 14.67 -9.76
CA ASN A 196 -16.58 15.85 -10.66
C ASN A 196 -16.38 17.12 -9.83
N ARG A 197 -15.40 17.14 -8.93
CA ARG A 197 -15.27 18.21 -7.90
C ARG A 197 -13.85 18.78 -7.93
N ARG A 198 -13.63 19.87 -8.68
CA ARG A 198 -12.34 20.60 -8.77
C ARG A 198 -12.08 21.33 -7.45
N SER A 199 -10.87 21.22 -6.94
CA SER A 199 -10.48 21.86 -5.66
C SER A 199 -8.96 21.91 -5.59
N ALA A 200 -8.42 22.90 -4.89
CA ALA A 200 -6.98 23.03 -4.62
C ALA A 200 -6.57 21.93 -3.66
N PRO A 201 -5.29 21.50 -3.70
CA PRO A 201 -4.79 20.49 -2.77
C PRO A 201 -4.84 21.04 -1.33
N ASP A 202 -5.19 20.20 -0.36
CA ASP A 202 -5.19 20.62 1.05
C ASP A 202 -3.75 20.51 1.57
N PRO A 203 -3.48 21.01 2.79
CA PRO A 203 -2.12 21.01 3.32
C PRO A 203 -1.45 19.62 3.39
N SER A 204 -2.25 18.55 3.47
CA SER A 204 -1.70 17.18 3.56
C SER A 204 -0.96 16.89 2.26
N VAL A 205 -1.54 17.32 1.15
CA VAL A 205 -0.94 17.11 -0.20
C VAL A 205 0.30 17.99 -0.38
N ILE A 206 0.19 19.28 -0.07
CA ILE A 206 1.29 20.25 -0.30
C ILE A 206 2.51 19.83 0.50
N THR A 207 2.35 19.43 1.77
CA THR A 207 3.52 19.10 2.62
C THR A 207 4.15 17.78 2.15
N LEU A 208 3.38 16.81 1.66
CA LEU A 208 3.97 15.59 1.04
C LEU A 208 4.83 16.00 -0.17
N GLU A 209 4.27 16.79 -1.08
CA GLU A 209 5.02 17.28 -2.27
C GLU A 209 6.32 17.94 -1.83
N ASN A 210 6.24 18.81 -0.83
CA ASN A 210 7.39 19.58 -0.29
C ASN A 210 8.45 18.63 0.27
N SER A 211 8.01 17.52 0.87
CA SER A 211 8.86 16.63 1.70
C SER A 211 9.42 15.46 0.88
N TRP A 212 9.05 15.31 -0.38
CA TRP A 212 9.36 14.07 -1.12
C TRP A 212 10.87 13.74 -1.06
N GLY A 213 11.75 14.69 -1.39
CA GLY A 213 13.21 14.51 -1.36
C GLY A 213 13.66 14.13 0.04
N ARG A 214 13.16 14.85 1.05
CA ARG A 214 13.51 14.65 2.48
C ARG A 214 13.03 13.27 2.95
N LEU A 215 11.80 12.86 2.58
CA LEU A 215 11.24 11.54 2.94
C LEU A 215 12.06 10.44 2.25
N SER A 216 12.44 10.65 0.99
CA SER A 216 13.30 9.69 0.23
C SER A 216 14.63 9.51 0.97
N THR A 217 15.28 10.60 1.37
CA THR A 217 16.55 10.59 2.15
C THR A 217 16.33 9.85 3.47
N ALA A 218 15.30 10.23 4.23
CA ALA A 218 15.02 9.73 5.60
C ALA A 218 14.81 8.22 5.55
N ILE A 219 14.02 7.72 4.59
CA ILE A 219 13.69 6.28 4.43
C ILE A 219 14.97 5.50 4.07
N GLN A 220 15.78 6.03 3.14
CA GLN A 220 16.95 5.29 2.59
C GLN A 220 18.11 5.32 3.59
N GLU A 221 18.23 6.38 4.39
CA GLU A 221 19.32 6.51 5.40
C GLU A 221 18.90 5.80 6.70
N SER A 222 17.65 5.35 6.80
CA SER A 222 17.00 4.96 8.07
C SER A 222 17.80 3.85 8.75
N ASN A 223 17.92 3.91 10.07
CA ASN A 223 18.41 2.81 10.95
C ASN A 223 17.46 1.60 10.85
N GLN A 224 17.52 0.87 9.72
CA GLN A 224 16.77 -0.38 9.46
C GLN A 224 15.26 -0.10 9.40
N GLY A 225 14.87 1.16 9.22
CA GLY A 225 13.46 1.60 9.07
C GLY A 225 13.12 2.86 9.86
N ALA A 226 13.92 3.22 10.88
CA ALA A 226 13.66 4.33 11.81
C ALA A 226 14.52 5.55 11.47
N PHE A 227 13.95 6.75 11.48
CA PHE A 227 14.62 8.01 11.03
C PHE A 227 15.48 8.61 12.15
N ALA A 228 16.58 9.26 11.77
CA ALA A 228 17.47 10.06 12.63
C ALA A 228 16.69 11.25 13.21
N SER A 229 15.99 12.02 12.35
CA SER A 229 15.20 13.22 12.72
C SER A 229 13.73 12.99 12.37
N PRO A 230 12.78 13.59 13.10
CA PRO A 230 11.37 13.51 12.73
C PRO A 230 11.05 14.46 11.57
N ILE A 231 10.49 13.96 10.46
CA ILE A 231 9.95 14.83 9.37
C ILE A 231 8.57 15.32 9.82
N GLN A 232 8.31 16.61 9.73
CA GLN A 232 6.98 17.22 10.04
C GLN A 232 6.13 17.21 8.77
N LEU A 233 4.91 16.69 8.86
CA LEU A 233 3.90 16.72 7.77
C LEU A 233 2.62 17.33 8.33
N GLN A 234 1.61 17.57 7.49
CA GLN A 234 0.35 18.20 7.92
C GLN A 234 -0.80 17.24 7.65
N ARG A 235 -1.82 17.32 8.50
CA ARG A 235 -3.16 16.72 8.30
C ARG A 235 -3.95 17.58 7.31
N ARG A 236 -5.06 17.07 6.81
CA ARG A 236 -5.99 17.77 5.89
C ARG A 236 -6.44 19.10 6.50
N ASN A 237 -6.60 19.13 7.82
CA ASN A 237 -7.08 20.30 8.59
C ASN A 237 -5.92 21.28 8.83
N GLY A 238 -4.69 20.92 8.46
CA GLY A 238 -3.50 21.81 8.52
C GLY A 238 -2.68 21.64 9.79
N SER A 239 -3.13 20.84 10.75
CA SER A 239 -2.37 20.57 12.01
C SER A 239 -1.13 19.72 11.67
N LYS A 240 -0.04 19.97 12.37
CA LYS A 240 1.29 19.36 12.13
C LYS A 240 1.39 18.06 12.93
N PHE A 241 1.97 17.01 12.35
CA PHE A 241 2.29 15.73 13.04
C PHE A 241 3.70 15.29 12.60
N SER A 242 4.38 14.47 13.39
CA SER A 242 5.76 14.01 13.14
C SER A 242 5.76 12.56 12.64
N VAL A 243 6.66 12.25 11.70
CA VAL A 243 6.86 10.89 11.15
C VAL A 243 8.26 10.39 11.53
N TYR A 244 8.34 9.30 12.27
CA TYR A 244 9.62 8.80 12.86
C TYR A 244 10.12 7.55 12.13
N ASP A 245 9.33 6.93 11.25
CA ASP A 245 9.64 5.58 10.74
C ASP A 245 8.99 5.33 9.37
N VAL A 246 9.41 4.27 8.68
CA VAL A 246 8.97 4.02 7.27
C VAL A 246 7.56 3.41 7.26
N SER A 247 7.12 2.72 8.32
CA SER A 247 5.85 1.95 8.31
C SER A 247 4.68 2.84 7.91
N ILE A 248 4.62 4.08 8.44
CA ILE A 248 3.50 5.04 8.19
C ILE A 248 3.55 5.58 6.75
N LEU A 249 4.68 5.46 6.06
CA LEU A 249 4.87 6.02 4.70
C LEU A 249 4.49 4.99 3.64
N ILE A 250 4.63 3.69 3.90
CA ILE A 250 4.40 2.62 2.88
C ILE A 250 3.01 2.78 2.23
N PRO A 251 1.93 3.13 2.97
CA PRO A 251 0.64 3.37 2.30
C PRO A 251 0.57 4.63 1.40
N ILE A 252 1.51 5.56 1.56
CA ILE A 252 1.38 6.98 1.15
C ILE A 252 2.28 7.28 -0.05
N ILE A 253 3.53 6.81 0.03
CA ILE A 253 4.60 7.08 -0.97
C ILE A 253 4.77 5.85 -1.87
N ALA A 254 4.78 6.08 -3.19
CA ALA A 254 4.85 5.03 -4.22
C ALA A 254 6.26 4.92 -4.80
N LEU A 255 7.02 6.01 -4.84
CA LEU A 255 8.33 6.12 -5.54
C LEU A 255 9.25 6.98 -4.67
N MET A 256 10.55 6.74 -4.69
CA MET A 256 11.56 7.62 -4.02
C MET A 256 12.65 7.95 -5.01
N VAL A 257 13.26 9.13 -4.87
CA VAL A 257 14.47 9.55 -5.63
C VAL A 257 15.65 8.80 -4.98
N TYR A 258 16.56 8.29 -5.80
CA TYR A 258 17.80 7.62 -5.34
C TYR A 258 18.62 8.61 -4.53
N ARG A 259 19.00 8.25 -3.30
CA ARG A 259 19.85 9.10 -2.41
C ARG A 259 21.20 8.40 -2.19
N CYS A 260 21.18 7.19 -1.67
CA CYS A 260 22.39 6.37 -1.37
C CYS A 260 22.11 4.90 -1.70
N ALA A 261 23.15 4.06 -1.67
CA ALA A 261 23.05 2.59 -1.82
C ALA A 261 22.39 2.01 -0.56
N PRO A 262 21.81 0.79 -0.64
CA PRO A 262 21.21 0.17 0.56
C PRO A 262 22.23 0.04 1.69
N PRO A 263 21.81 0.17 2.97
CA PRO A 263 22.74 0.10 4.10
C PRO A 263 23.33 -1.30 4.28
N PRO A 264 24.42 -1.45 5.08
CA PRO A 264 25.07 -2.75 5.27
C PRO A 264 24.25 -3.66 6.21
N LYS B 5 -7.83 -37.23 5.43
CA LYS B 5 -8.06 -36.12 4.46
C LYS B 5 -6.87 -35.16 4.52
N GLN B 6 -6.28 -34.87 3.36
CA GLN B 6 -5.00 -34.15 3.26
C GLN B 6 -5.31 -32.72 2.85
N TYR B 7 -4.82 -31.76 3.59
CA TYR B 7 -4.90 -30.32 3.23
C TYR B 7 -3.49 -29.77 3.11
N PRO B 8 -3.29 -28.68 2.36
CA PRO B 8 -1.97 -28.09 2.18
C PRO B 8 -1.43 -27.62 3.54
N ILE B 9 -0.14 -27.83 3.76
CA ILE B 9 0.52 -27.45 5.05
C ILE B 9 1.61 -26.44 4.72
N ILE B 10 1.66 -25.38 5.52
CA ILE B 10 2.73 -24.36 5.48
C ILE B 10 3.45 -24.44 6.83
N ASN B 11 4.77 -24.60 6.83
CA ASN B 11 5.59 -24.68 8.06
C ASN B 11 6.15 -23.31 8.41
N PHE B 12 6.17 -22.99 9.70
CA PHE B 12 7.02 -21.91 10.27
C PHE B 12 7.68 -22.40 11.56
N THR B 13 8.91 -21.96 11.82
CA THR B 13 9.56 -22.19 13.14
C THR B 13 10.04 -20.87 13.71
N THR B 14 9.90 -20.69 15.02
CA THR B 14 10.41 -19.54 15.77
C THR B 14 11.93 -19.68 15.92
N ALA B 15 12.47 -20.88 15.73
CA ALA B 15 13.89 -21.19 15.94
C ALA B 15 14.71 -20.58 14.79
N GLY B 16 15.51 -19.55 15.08
CA GLY B 16 16.30 -18.83 14.06
C GLY B 16 15.39 -18.07 13.11
N ALA B 17 14.25 -17.56 13.63
CA ALA B 17 13.29 -16.76 12.83
C ALA B 17 13.95 -15.45 12.42
N THR B 18 13.70 -15.03 11.19
CA THR B 18 14.18 -13.77 10.57
C THR B 18 12.99 -13.07 9.94
N VAL B 19 13.13 -11.77 9.68
CA VAL B 19 12.14 -11.00 8.87
C VAL B 19 11.82 -11.79 7.58
N GLN B 20 12.81 -12.33 6.85
CA GLN B 20 12.56 -13.05 5.58
C GLN B 20 11.80 -14.36 5.81
N SER B 21 12.14 -15.19 6.82
CA SER B 21 11.46 -16.49 7.02
C SER B 21 9.98 -16.26 7.35
N TYR B 22 9.69 -15.25 8.16
CA TYR B 22 8.32 -14.88 8.58
C TYR B 22 7.60 -14.34 7.36
N THR B 23 8.28 -13.51 6.55
CA THR B 23 7.68 -12.96 5.32
C THR B 23 7.37 -14.10 4.34
N ASN B 24 8.30 -15.03 4.14
CA ASN B 24 8.11 -16.18 3.21
C ASN B 24 6.93 -17.02 3.72
N PHE B 25 6.81 -17.18 5.02
CA PHE B 25 5.70 -17.94 5.67
C PHE B 25 4.37 -17.26 5.34
N ILE B 26 4.23 -15.99 5.65
CA ILE B 26 2.93 -15.26 5.46
C ILE B 26 2.57 -15.23 3.97
N ARG B 27 3.54 -15.03 3.08
CA ARG B 27 3.27 -15.05 1.62
C ARG B 27 2.78 -16.43 1.19
N ALA B 28 3.35 -17.50 1.76
CA ALA B 28 2.96 -18.88 1.43
C ALA B 28 1.53 -19.10 1.91
N VAL B 29 1.19 -18.58 3.10
CA VAL B 29 -0.18 -18.72 3.65
C VAL B 29 -1.16 -18.00 2.70
N ARG B 30 -0.88 -16.77 2.31
CA ARG B 30 -1.80 -16.02 1.41
C ARG B 30 -1.95 -16.76 0.09
N GLY B 31 -0.83 -17.30 -0.41
CA GLY B 31 -0.78 -18.04 -1.68
C GLY B 31 -1.76 -19.21 -1.67
N ARG B 32 -1.85 -19.91 -0.55
CA ARG B 32 -2.73 -21.10 -0.37
C ARG B 32 -4.17 -20.72 -0.02
N LEU B 33 -4.41 -19.52 0.50
CA LEU B 33 -5.77 -19.10 0.91
C LEU B 33 -6.58 -18.69 -0.32
N THR B 34 -5.90 -18.05 -1.27
CA THR B 34 -6.46 -17.49 -2.54
C THR B 34 -5.88 -18.25 -3.74
N THR B 35 -6.69 -18.49 -4.78
CA THR B 35 -6.22 -18.97 -6.11
C THR B 35 -5.66 -17.79 -6.93
N GLY B 36 -6.04 -16.56 -6.58
CA GLY B 36 -5.63 -15.33 -7.28
C GLY B 36 -6.63 -14.92 -8.35
N ALA B 37 -7.58 -15.80 -8.68
CA ALA B 37 -8.57 -15.62 -9.79
C ALA B 37 -9.49 -14.42 -9.51
N ASP B 38 -9.95 -14.23 -8.26
CA ASP B 38 -10.97 -13.20 -7.90
C ASP B 38 -10.27 -12.05 -7.17
N VAL B 39 -10.25 -10.87 -7.79
CA VAL B 39 -9.47 -9.68 -7.36
C VAL B 39 -10.33 -8.44 -7.60
N ARG B 40 -10.53 -7.62 -6.57
CA ARG B 40 -11.29 -6.34 -6.67
C ARG B 40 -10.36 -5.20 -6.29
N HIS B 41 -10.20 -4.21 -7.16
CA HIS B 41 -9.28 -3.08 -6.92
C HIS B 41 -7.92 -3.61 -6.49
N GLU B 42 -7.44 -4.67 -7.16
CA GLU B 42 -6.08 -5.22 -7.03
C GLU B 42 -5.97 -6.07 -5.76
N ILE B 43 -7.04 -6.18 -4.98
CA ILE B 43 -7.00 -6.94 -3.70
C ILE B 43 -7.74 -8.27 -3.88
N PRO B 44 -7.05 -9.42 -3.65
CA PRO B 44 -7.70 -10.72 -3.73
C PRO B 44 -8.85 -10.88 -2.72
N VAL B 45 -9.92 -11.52 -3.19
CA VAL B 45 -11.11 -11.89 -2.39
C VAL B 45 -11.01 -13.39 -2.11
N LEU B 46 -11.16 -13.77 -0.85
CA LEU B 46 -11.15 -15.20 -0.48
C LEU B 46 -12.32 -15.90 -1.14
N PRO B 47 -12.23 -17.24 -1.34
CA PRO B 47 -13.32 -18.00 -1.91
C PRO B 47 -14.61 -17.84 -1.12
N ASN B 48 -15.71 -17.84 -1.86
CA ASN B 48 -17.08 -17.90 -1.32
C ASN B 48 -17.25 -19.27 -0.63
N ARG B 49 -17.77 -19.26 0.58
CA ARG B 49 -18.23 -20.44 1.36
C ARG B 49 -19.21 -21.28 0.52
N VAL B 50 -20.16 -20.62 -0.14
CA VAL B 50 -21.23 -21.29 -0.92
C VAL B 50 -20.62 -21.98 -2.14
N GLY B 51 -20.74 -23.30 -2.22
CA GLY B 51 -20.29 -24.10 -3.38
C GLY B 51 -18.84 -24.52 -3.28
N LEU B 52 -18.16 -24.20 -2.18
CA LEU B 52 -16.73 -24.54 -2.00
C LEU B 52 -16.62 -26.01 -1.58
N PRO B 53 -16.00 -26.88 -2.40
CA PRO B 53 -15.73 -28.26 -2.01
C PRO B 53 -14.97 -28.37 -0.68
N ILE B 54 -15.38 -29.32 0.16
CA ILE B 54 -14.74 -29.63 1.47
C ILE B 54 -13.25 -29.87 1.28
N ASN B 55 -12.83 -30.47 0.16
CA ASN B 55 -11.41 -30.78 -0.12
C ASN B 55 -10.60 -29.48 -0.25
N GLN B 56 -11.25 -28.33 -0.49
CA GLN B 56 -10.60 -27.02 -0.74
C GLN B 56 -10.84 -26.06 0.44
N ARG B 57 -11.40 -26.53 1.56
CA ARG B 57 -12.01 -25.61 2.57
C ARG B 57 -10.97 -25.13 3.58
N PHE B 58 -9.93 -25.91 3.83
CA PHE B 58 -8.95 -25.67 4.91
C PHE B 58 -7.52 -25.69 4.38
N ILE B 59 -6.66 -24.98 5.10
CA ILE B 59 -5.19 -25.12 4.98
C ILE B 59 -4.66 -25.30 6.40
N LEU B 60 -3.48 -25.88 6.51
CA LEU B 60 -2.87 -26.18 7.81
C LEU B 60 -1.58 -25.36 7.93
N VAL B 61 -1.35 -24.84 9.13
CA VAL B 61 -0.10 -24.12 9.46
C VAL B 61 0.57 -24.92 10.54
N GLU B 62 1.72 -25.52 10.22
CA GLU B 62 2.53 -26.24 11.24
C GLU B 62 3.56 -25.29 11.85
N LEU B 63 3.52 -25.15 13.17
CA LEU B 63 4.35 -24.21 13.95
C LEU B 63 5.27 -25.00 14.86
N SER B 64 6.57 -24.68 14.83
CA SER B 64 7.59 -25.37 15.67
C SER B 64 8.37 -24.29 16.41
N ASN B 65 8.88 -24.62 17.60
CA ASN B 65 9.63 -23.63 18.39
C ASN B 65 10.99 -24.20 18.75
N HIS B 66 11.75 -23.47 19.56
CA HIS B 66 13.14 -23.81 19.97
C HIS B 66 13.10 -25.11 20.76
N ALA B 67 12.02 -25.40 21.48
CA ALA B 67 11.86 -26.62 22.28
C ALA B 67 11.58 -27.82 21.38
N GLU B 68 11.41 -27.60 20.07
CA GLU B 68 11.12 -28.62 19.01
C GLU B 68 9.76 -29.23 19.28
N LEU B 69 8.86 -28.44 19.87
CA LEU B 69 7.41 -28.77 19.95
C LEU B 69 6.75 -28.27 18.67
N SER B 70 5.82 -29.03 18.14
CA SER B 70 5.04 -28.70 16.91
C SER B 70 3.55 -28.70 17.27
N VAL B 71 2.82 -27.73 16.76
CA VAL B 71 1.33 -27.75 16.71
C VAL B 71 0.92 -27.38 15.28
N THR B 72 -0.17 -27.96 14.80
CA THR B 72 -0.76 -27.65 13.48
C THR B 72 -2.09 -26.91 13.65
N LEU B 73 -2.15 -25.67 13.19
CA LEU B 73 -3.41 -24.88 13.21
C LEU B 73 -4.15 -25.13 11.91
N ALA B 74 -5.46 -25.28 11.95
CA ALA B 74 -6.34 -25.35 10.77
C ALA B 74 -6.93 -23.98 10.50
N LEU B 75 -6.80 -23.48 9.28
CA LEU B 75 -7.39 -22.17 8.85
C LEU B 75 -8.52 -22.47 7.85
N ASP B 76 -9.64 -21.77 8.01
CA ASP B 76 -10.76 -21.78 7.05
C ASP B 76 -10.38 -20.82 5.89
N VAL B 77 -10.32 -21.31 4.65
CA VAL B 77 -9.89 -20.47 3.50
C VAL B 77 -10.91 -19.37 3.24
N THR B 78 -12.15 -19.51 3.71
CA THR B 78 -13.19 -18.48 3.46
C THR B 78 -12.93 -17.19 4.27
N ASN B 79 -12.23 -17.27 5.40
CA ASN B 79 -12.02 -16.07 6.26
C ASN B 79 -10.60 -16.02 6.85
N ALA B 80 -9.73 -16.98 6.51
CA ALA B 80 -8.31 -17.09 6.95
C ALA B 80 -8.21 -17.32 8.46
N TYR B 81 -9.31 -17.69 9.13
CA TYR B 81 -9.34 -17.74 10.60
C TYR B 81 -9.10 -19.17 11.10
N VAL B 82 -8.55 -19.24 12.29
CA VAL B 82 -8.17 -20.52 12.93
C VAL B 82 -9.46 -21.20 13.42
N VAL B 83 -9.68 -22.49 13.07
CA VAL B 83 -10.92 -23.20 13.49
C VAL B 83 -10.57 -24.24 14.57
N GLY B 84 -9.30 -24.56 14.68
CA GLY B 84 -8.83 -25.55 15.66
C GLY B 84 -7.39 -25.89 15.45
N TYR B 85 -6.87 -26.88 16.17
CA TYR B 85 -5.44 -27.21 16.11
C TYR B 85 -5.22 -28.61 16.63
N ARG B 86 -4.09 -29.16 16.17
CA ARG B 86 -3.65 -30.48 16.61
C ARG B 86 -2.34 -30.36 17.34
N ALA B 87 -2.22 -31.11 18.43
CA ALA B 87 -0.99 -31.31 19.20
C ALA B 87 -0.88 -32.81 19.45
N GLY B 88 0.05 -33.44 18.73
CA GLY B 88 0.29 -34.90 18.76
C GLY B 88 -0.99 -35.67 18.58
N ASN B 89 -1.44 -36.39 19.61
CA ASN B 89 -2.60 -37.32 19.51
C ASN B 89 -3.92 -36.65 19.87
N SER B 90 -3.96 -35.32 20.00
CA SER B 90 -5.19 -34.57 20.35
C SER B 90 -5.46 -33.47 19.33
N ALA B 91 -6.72 -33.26 19.00
CA ALA B 91 -7.15 -32.12 18.19
C ALA B 91 -8.25 -31.39 18.96
N TYR B 92 -8.23 -30.06 18.87
CA TYR B 92 -9.16 -29.18 19.60
C TYR B 92 -9.81 -28.25 18.61
N PHE B 93 -11.12 -28.11 18.69
CA PHE B 93 -11.88 -27.26 17.75
C PHE B 93 -12.65 -26.20 18.54
N PHE B 94 -12.71 -25.00 18.00
CA PHE B 94 -13.66 -23.97 18.51
C PHE B 94 -15.07 -24.46 18.23
N HIS B 95 -16.00 -24.10 19.10
CA HIS B 95 -17.43 -24.41 18.89
C HIS B 95 -17.85 -23.81 17.55
N PRO B 96 -18.33 -24.62 16.59
CA PRO B 96 -18.78 -24.09 15.29
C PRO B 96 -20.02 -23.21 15.47
N ASP B 97 -20.15 -22.20 14.62
CA ASP B 97 -21.27 -21.22 14.62
C ASP B 97 -22.55 -21.89 14.14
N ASN B 98 -22.46 -22.90 13.27
CA ASN B 98 -23.62 -23.48 12.52
C ASN B 98 -23.32 -24.93 12.18
N GLN B 99 -24.33 -25.70 11.75
CA GLN B 99 -24.23 -27.17 11.53
C GLN B 99 -23.38 -27.46 10.29
N GLU B 100 -23.37 -26.55 9.31
CA GLU B 100 -22.58 -26.71 8.07
C GLU B 100 -21.09 -26.73 8.45
N ASP B 101 -20.67 -25.80 9.30
CA ASP B 101 -19.27 -25.70 9.82
C ASP B 101 -18.98 -26.87 10.78
N ALA B 102 -19.93 -27.29 11.60
CA ALA B 102 -19.80 -28.48 12.47
C ALA B 102 -19.48 -29.72 11.59
N GLU B 103 -20.18 -29.85 10.46
CA GLU B 103 -19.95 -30.98 9.52
C GLU B 103 -18.57 -30.81 8.88
N ALA B 104 -18.24 -29.58 8.44
CA ALA B 104 -16.97 -29.28 7.74
C ALA B 104 -15.77 -29.72 8.59
N ILE B 105 -15.75 -29.43 9.89
CA ILE B 105 -14.57 -29.69 10.77
C ILE B 105 -14.39 -31.18 11.07
N THR B 106 -15.42 -32.01 10.85
CA THR B 106 -15.27 -33.49 10.96
C THR B 106 -14.25 -33.98 9.92
N HIS B 107 -13.95 -33.19 8.90
CA HIS B 107 -12.98 -33.57 7.83
C HIS B 107 -11.53 -33.19 8.20
N LEU B 108 -11.29 -32.56 9.35
CA LEU B 108 -9.94 -32.12 9.77
C LEU B 108 -9.39 -33.12 10.76
N PHE B 109 -8.11 -33.43 10.66
CA PHE B 109 -7.35 -34.23 11.65
C PHE B 109 -8.10 -35.55 11.85
N THR B 110 -8.53 -36.19 10.77
CA THR B 110 -9.51 -37.32 10.81
C THR B 110 -8.87 -38.55 11.44
N ASP B 111 -7.54 -38.62 11.49
CA ASP B 111 -6.77 -39.76 12.07
C ASP B 111 -6.40 -39.51 13.53
N VAL B 112 -6.64 -38.31 14.08
CA VAL B 112 -6.22 -38.03 15.49
C VAL B 112 -6.97 -38.94 16.47
N GLN B 113 -6.33 -39.44 17.51
CA GLN B 113 -6.97 -40.37 18.47
C GLN B 113 -8.00 -39.66 19.34
N ASN B 114 -7.78 -38.40 19.71
CA ASN B 114 -8.70 -37.67 20.64
C ASN B 114 -9.12 -36.36 19.96
N ARG B 115 -10.42 -36.19 19.78
CA ARG B 115 -10.99 -34.93 19.22
C ARG B 115 -11.80 -34.24 20.32
N TYR B 116 -11.60 -32.94 20.51
CA TYR B 116 -12.28 -32.15 21.57
C TYR B 116 -12.90 -30.93 20.93
N THR B 117 -14.13 -30.60 21.30
CA THR B 117 -14.76 -29.36 20.82
C THR B 117 -15.00 -28.48 22.04
N PHE B 118 -14.44 -27.28 22.02
CA PHE B 118 -14.62 -26.27 23.09
C PHE B 118 -16.07 -25.78 23.07
N ALA B 119 -16.56 -25.33 24.24
CA ALA B 119 -17.89 -24.70 24.43
C ALA B 119 -17.90 -23.33 23.71
N PHE B 120 -16.73 -22.71 23.59
CA PHE B 120 -16.57 -21.29 23.14
C PHE B 120 -16.12 -21.24 21.68
N GLY B 121 -16.53 -20.21 20.96
CA GLY B 121 -16.00 -19.89 19.63
C GLY B 121 -14.64 -19.20 19.71
N GLY B 122 -13.99 -19.00 18.58
CA GLY B 122 -12.63 -18.42 18.52
C GLY B 122 -12.64 -16.92 18.29
N ASN B 123 -13.79 -16.28 18.41
CA ASN B 123 -13.87 -14.81 18.26
C ASN B 123 -13.06 -14.13 19.39
N TYR B 124 -12.41 -13.00 19.11
CA TYR B 124 -11.58 -12.27 20.09
C TYR B 124 -12.37 -11.89 21.34
N ASP B 125 -13.65 -11.53 21.23
CA ASP B 125 -14.46 -11.11 22.40
C ASP B 125 -14.37 -12.21 23.45
N ARG B 126 -14.63 -13.45 23.06
CA ARG B 126 -14.66 -14.61 23.98
C ARG B 126 -13.24 -14.93 24.41
N LEU B 127 -12.29 -14.97 23.46
CA LEU B 127 -10.88 -15.34 23.80
C LEU B 127 -10.28 -14.33 24.77
N GLU B 128 -10.59 -13.05 24.62
CA GLU B 128 -10.12 -11.98 25.54
C GLU B 128 -10.68 -12.23 26.95
N GLN B 129 -11.93 -12.66 27.04
CA GLN B 129 -12.59 -12.90 28.35
C GLN B 129 -11.95 -14.10 29.03
N LEU B 130 -11.67 -15.16 28.28
CA LEU B 130 -11.00 -16.35 28.84
C LEU B 130 -9.55 -16.00 29.25
N ALA B 131 -8.85 -15.20 28.46
CA ALA B 131 -7.44 -14.83 28.69
C ALA B 131 -7.34 -13.89 29.92
N GLY B 132 -8.41 -13.14 30.20
CA GLY B 132 -8.41 -12.05 31.21
C GLY B 132 -7.65 -10.83 30.73
N ASN B 133 -7.51 -10.64 29.41
CA ASN B 133 -6.80 -9.47 28.83
C ASN B 133 -7.29 -9.22 27.41
N LEU B 134 -7.42 -7.94 27.07
CA LEU B 134 -7.66 -7.47 25.68
C LEU B 134 -6.40 -7.72 24.84
N ARG B 135 -6.55 -7.79 23.51
CA ARG B 135 -5.42 -7.84 22.56
C ARG B 135 -4.41 -6.70 22.84
N GLU B 136 -4.87 -5.48 23.21
CA GLU B 136 -3.97 -4.31 23.41
C GLU B 136 -3.05 -4.56 24.61
N ASN B 137 -3.32 -5.56 25.44
CA ASN B 137 -2.47 -5.93 26.60
C ASN B 137 -1.81 -7.30 26.44
N ILE B 138 -1.80 -7.87 25.24
CA ILE B 138 -1.10 -9.17 25.01
C ILE B 138 0.06 -8.93 24.03
N GLU B 139 1.29 -9.14 24.47
CA GLU B 139 2.49 -8.89 23.65
C GLU B 139 2.55 -9.91 22.50
N LEU B 140 3.04 -9.43 21.37
CA LEU B 140 3.29 -10.21 20.13
C LEU B 140 4.75 -10.13 19.74
N GLY B 141 5.20 -11.13 18.97
CA GLY B 141 6.60 -11.27 18.58
C GLY B 141 6.97 -12.72 18.54
N ASN B 142 8.24 -12.95 18.25
CA ASN B 142 8.76 -14.31 18.13
C ASN B 142 8.74 -14.97 19.52
N GLY B 143 9.00 -14.22 20.58
CA GLY B 143 8.99 -14.77 21.96
C GLY B 143 7.58 -15.21 22.37
N PRO B 144 6.56 -14.32 22.27
CA PRO B 144 5.18 -14.71 22.51
C PRO B 144 4.74 -15.90 21.66
N LEU B 145 5.15 -15.96 20.40
CA LEU B 145 4.78 -17.11 19.52
C LEU B 145 5.44 -18.40 20.04
N GLU B 146 6.74 -18.36 20.34
CA GLU B 146 7.47 -19.50 20.97
C GLU B 146 6.65 -20.01 22.17
N GLU B 147 6.25 -19.10 23.05
CA GLU B 147 5.52 -19.45 24.29
C GLU B 147 4.13 -20.03 23.94
N ALA B 148 3.42 -19.44 22.97
CA ALA B 148 2.06 -19.87 22.59
C ALA B 148 2.12 -21.30 22.03
N ILE B 149 3.13 -21.61 21.22
CA ILE B 149 3.31 -22.99 20.65
C ILE B 149 3.48 -23.96 21.82
N SER B 150 4.32 -23.65 22.79
CA SER B 150 4.52 -24.53 23.97
C SER B 150 3.19 -24.69 24.72
N ALA B 151 2.51 -23.59 24.98
CA ALA B 151 1.22 -23.59 25.70
C ALA B 151 0.20 -24.46 24.96
N LEU B 152 0.05 -24.32 23.64
CA LEU B 152 -0.91 -25.11 22.83
C LEU B 152 -0.54 -26.59 22.90
N TYR B 153 0.76 -26.89 22.83
CA TYR B 153 1.26 -28.28 22.83
C TYR B 153 0.95 -28.92 24.20
N TYR B 154 1.22 -28.20 25.30
CA TYR B 154 1.07 -28.79 26.66
C TYR B 154 -0.38 -28.76 27.14
N TYR B 155 -1.32 -28.20 26.38
CA TYR B 155 -2.75 -28.33 26.74
C TYR B 155 -3.17 -29.80 26.70
N SER B 156 -2.52 -30.61 25.86
CA SER B 156 -2.87 -32.02 25.54
C SER B 156 -2.69 -32.92 26.77
N THR B 157 -1.91 -32.46 27.75
CA THR B 157 -1.66 -33.18 29.04
C THR B 157 -1.96 -32.24 30.21
N GLY B 158 -2.77 -31.19 30.00
CA GLY B 158 -3.20 -30.23 31.03
C GLY B 158 -2.07 -29.39 31.62
N GLY B 159 -0.85 -29.41 31.07
CA GLY B 159 0.23 -28.50 31.49
C GLY B 159 -0.07 -27.02 31.18
N THR B 160 -1.26 -26.69 30.66
CA THR B 160 -1.68 -25.31 30.29
C THR B 160 -3.07 -24.98 30.85
N GLN B 161 -3.20 -23.87 31.57
CA GLN B 161 -4.50 -23.37 32.10
C GLN B 161 -5.22 -22.65 30.97
N LEU B 162 -6.55 -22.56 31.06
CA LEU B 162 -7.42 -22.00 29.98
C LEU B 162 -7.04 -20.55 29.64
N PRO B 163 -6.75 -19.65 30.60
CA PRO B 163 -6.40 -18.27 30.25
C PRO B 163 -5.11 -18.22 29.42
N THR B 164 -4.12 -19.06 29.74
CA THR B 164 -2.86 -19.14 28.94
C THR B 164 -3.17 -19.69 27.54
N LEU B 165 -4.05 -20.69 27.45
CA LEU B 165 -4.48 -21.26 26.14
C LEU B 165 -5.12 -20.15 25.32
N ALA B 166 -6.08 -19.43 25.90
CA ALA B 166 -6.81 -18.33 25.20
C ALA B 166 -5.79 -17.27 24.76
N ARG B 167 -4.88 -16.86 25.63
CA ARG B 167 -3.83 -15.86 25.28
C ARG B 167 -3.03 -16.39 24.09
N SER B 168 -2.65 -17.68 24.11
CA SER B 168 -1.89 -18.34 23.04
C SER B 168 -2.66 -18.31 21.71
N PHE B 169 -3.96 -18.57 21.72
CA PHE B 169 -4.79 -18.46 20.50
C PHE B 169 -4.77 -17.01 20.01
N ILE B 170 -4.87 -16.05 20.91
CA ILE B 170 -4.89 -14.61 20.50
C ILE B 170 -3.56 -14.28 19.80
N ILE B 171 -2.44 -14.78 20.32
CA ILE B 171 -1.09 -14.52 19.70
C ILE B 171 -1.07 -15.16 18.29
N CYS B 172 -1.44 -16.43 18.18
CA CYS B 172 -1.36 -17.21 16.93
C CYS B 172 -2.26 -16.60 15.87
N ILE B 173 -3.47 -16.21 16.26
CA ILE B 173 -4.48 -15.69 15.29
C ILE B 173 -3.91 -14.38 14.72
N GLN B 174 -3.34 -13.54 15.55
CA GLN B 174 -2.90 -12.22 15.05
C GLN B 174 -1.64 -12.41 14.18
N MET B 175 -0.71 -13.26 14.57
CA MET B 175 0.61 -13.37 13.91
C MET B 175 0.50 -14.20 12.64
N ILE B 176 -0.63 -14.89 12.45
CA ILE B 176 -0.86 -15.75 11.25
C ILE B 176 -2.03 -15.20 10.45
N SER B 177 -3.26 -15.31 10.97
CA SER B 177 -4.50 -14.92 10.26
C SER B 177 -4.49 -13.43 9.95
N GLU B 178 -4.26 -12.57 10.95
CA GLU B 178 -4.38 -11.12 10.73
C GLU B 178 -3.19 -10.63 9.88
N ALA B 179 -2.01 -11.23 10.03
CA ALA B 179 -0.83 -10.97 9.17
C ALA B 179 -1.16 -11.36 7.73
N ALA B 180 -1.86 -12.48 7.53
CA ALA B 180 -2.25 -12.93 6.17
C ALA B 180 -3.21 -11.90 5.58
N ARG B 181 -4.13 -11.39 6.39
CA ARG B 181 -5.22 -10.51 5.88
C ARG B 181 -4.67 -9.12 5.55
N PHE B 182 -3.65 -8.67 6.27
CA PHE B 182 -3.17 -7.27 6.16
C PHE B 182 -1.66 -7.22 6.01
N GLN B 183 -1.15 -6.59 4.94
CA GLN B 183 0.31 -6.36 4.83
C GLN B 183 0.78 -5.48 5.99
N TYR B 184 -0.07 -4.59 6.49
CA TYR B 184 0.28 -3.67 7.58
C TYR B 184 0.65 -4.49 8.83
N ILE B 185 -0.18 -5.49 9.12
CA ILE B 185 0.02 -6.32 10.34
C ILE B 185 1.22 -7.26 10.12
N GLU B 186 1.38 -7.85 8.92
CA GLU B 186 2.62 -8.58 8.57
C GLU B 186 3.84 -7.67 8.85
N GLY B 187 3.79 -6.41 8.44
CA GLY B 187 4.85 -5.38 8.66
C GLY B 187 5.12 -5.17 10.13
N GLU B 188 4.07 -5.05 10.93
CA GLU B 188 4.16 -4.88 12.41
C GLU B 188 4.91 -6.07 13.01
N MET B 189 4.67 -7.28 12.53
CA MET B 189 5.31 -8.48 13.11
C MET B 189 6.76 -8.53 12.60
N ARG B 190 6.99 -8.20 11.32
CA ARG B 190 8.37 -8.10 10.75
C ARG B 190 9.23 -7.14 11.58
N THR B 191 8.69 -6.00 11.98
CA THR B 191 9.39 -4.97 12.79
C THR B 191 9.74 -5.56 14.14
N ARG B 192 8.84 -6.32 14.77
CA ARG B 192 9.12 -6.97 16.09
C ARG B 192 10.26 -7.97 15.92
N ILE B 193 10.26 -8.75 14.84
CA ILE B 193 11.30 -9.79 14.58
C ILE B 193 12.65 -9.13 14.26
N ARG B 194 12.64 -8.08 13.44
CA ARG B 194 13.88 -7.37 12.99
C ARG B 194 14.61 -6.77 14.21
N TYR B 195 13.87 -6.13 15.11
CA TYR B 195 14.38 -5.26 16.23
C TYR B 195 14.41 -6.04 17.56
N ASN B 196 13.91 -7.28 17.54
CA ASN B 196 13.82 -8.16 18.73
C ASN B 196 13.02 -7.47 19.84
N ARG B 197 11.85 -6.90 19.51
CA ARG B 197 11.09 -6.05 20.46
C ARG B 197 9.64 -6.53 20.56
N ARG B 198 9.33 -7.38 21.55
CA ARG B 198 7.96 -7.89 21.83
C ARG B 198 7.12 -6.75 22.41
N SER B 199 5.90 -6.62 21.93
CA SER B 199 5.01 -5.50 22.29
C SER B 199 3.59 -5.84 21.85
N ALA B 200 2.60 -5.33 22.58
CA ALA B 200 1.17 -5.49 22.24
C ALA B 200 0.87 -4.63 21.03
N PRO B 201 -0.14 -5.02 20.23
CA PRO B 201 -0.55 -4.25 19.06
C PRO B 201 -1.12 -2.91 19.53
N ASP B 202 -0.80 -1.85 18.79
CA ASP B 202 -1.31 -0.50 19.11
C ASP B 202 -2.66 -0.35 18.41
N PRO B 203 -3.38 0.77 18.66
CA PRO B 203 -4.72 0.95 18.08
C PRO B 203 -4.79 0.85 16.55
N SER B 204 -3.68 1.11 15.85
CA SER B 204 -3.67 1.06 14.37
C SER B 204 -3.96 -0.39 13.97
N VAL B 205 -3.37 -1.33 14.71
CA VAL B 205 -3.52 -2.78 14.42
C VAL B 205 -4.92 -3.25 14.81
N ILE B 206 -5.35 -2.93 16.04
CA ILE B 206 -6.65 -3.38 16.60
C ILE B 206 -7.80 -2.91 15.71
N THR B 207 -7.78 -1.66 15.23
N THR B 207 -7.72 -1.67 15.23
CA THR B 207 -8.91 -1.12 14.43
CA THR B 207 -8.75 -1.01 14.41
C THR B 207 -8.91 -1.79 13.04
C THR B 207 -8.88 -1.74 13.06
N LEU B 208 -7.75 -2.11 12.47
CA LEU B 208 -7.74 -2.89 11.20
C LEU B 208 -8.38 -4.27 11.45
N GLU B 209 -7.94 -4.98 12.48
CA GLU B 209 -8.50 -6.32 12.78
C GLU B 209 -10.03 -6.19 12.91
N ASN B 210 -10.49 -5.17 13.63
CA ASN B 210 -11.93 -4.98 13.92
C ASN B 210 -12.70 -4.65 12.62
N SER B 211 -12.06 -3.97 11.68
CA SER B 211 -12.68 -3.40 10.46
C SER B 211 -12.60 -4.35 9.27
N TRP B 212 -12.02 -5.55 9.43
CA TRP B 212 -11.71 -6.36 8.23
C TRP B 212 -12.98 -6.63 7.40
N GLY B 213 -14.05 -7.11 8.03
CA GLY B 213 -15.36 -7.33 7.38
C GLY B 213 -15.89 -6.06 6.75
N ARG B 214 -15.83 -4.94 7.47
CA ARG B 214 -16.32 -3.61 7.04
C ARG B 214 -15.53 -3.12 5.82
N LEU B 215 -14.21 -3.25 5.86
CA LEU B 215 -13.30 -2.80 4.77
C LEU B 215 -13.58 -3.67 3.54
N SER B 216 -13.76 -4.97 3.75
CA SER B 216 -14.08 -5.96 2.68
C SER B 216 -15.37 -5.52 1.97
N THR B 217 -16.43 -5.25 2.74
CA THR B 217 -17.74 -4.80 2.22
C THR B 217 -17.56 -3.48 1.45
N ALA B 218 -16.92 -2.49 2.07
CA ALA B 218 -16.79 -1.12 1.51
C ALA B 218 -16.07 -1.15 0.16
N ILE B 219 -14.96 -1.90 0.08
CA ILE B 219 -14.13 -2.00 -1.15
C ILE B 219 -14.93 -2.74 -2.25
N GLN B 220 -15.64 -3.81 -1.90
CA GLN B 220 -16.33 -4.67 -2.91
C GLN B 220 -17.61 -3.98 -3.40
N GLU B 221 -18.26 -3.20 -2.54
CA GLU B 221 -19.52 -2.49 -2.91
C GLU B 221 -19.17 -1.21 -3.65
N SER B 222 -17.91 -0.80 -3.67
CA SER B 222 -17.47 0.43 -4.39
C SER B 222 -17.11 0.08 -5.84
N ASN B 223 -17.97 0.56 -6.74
CA ASN B 223 -17.84 0.71 -8.21
C ASN B 223 -16.36 0.89 -8.61
N GLN B 224 -15.84 2.09 -8.36
CA GLN B 224 -14.54 2.54 -8.91
C GLN B 224 -13.57 2.79 -7.74
N GLY B 225 -13.98 2.53 -6.49
CA GLY B 225 -13.07 2.52 -5.32
C GLY B 225 -12.85 3.89 -4.72
N ALA B 226 -13.57 4.92 -5.15
CA ALA B 226 -13.66 6.21 -4.43
C ALA B 226 -14.93 6.20 -3.57
N PHE B 227 -14.76 6.25 -2.24
CA PHE B 227 -15.82 5.93 -1.25
C PHE B 227 -16.80 7.11 -1.07
N ALA B 228 -18.08 6.76 -0.84
CA ALA B 228 -19.20 7.71 -0.69
C ALA B 228 -19.01 8.55 0.57
N SER B 229 -18.75 7.88 1.70
CA SER B 229 -18.31 8.46 3.00
C SER B 229 -16.90 7.98 3.32
N PRO B 230 -16.10 8.75 4.09
CA PRO B 230 -14.75 8.35 4.45
C PRO B 230 -14.76 7.29 5.57
N ILE B 231 -14.05 6.19 5.36
CA ILE B 231 -13.79 5.12 6.37
C ILE B 231 -12.78 5.67 7.38
N GLN B 232 -13.07 5.54 8.68
CA GLN B 232 -12.18 6.06 9.75
C GLN B 232 -11.25 4.93 10.19
N LEU B 233 -9.95 5.20 10.24
CA LEU B 233 -8.94 4.28 10.82
C LEU B 233 -8.19 5.03 11.92
N GLN B 234 -7.40 4.33 12.74
CA GLN B 234 -6.63 4.98 13.83
C GLN B 234 -5.14 4.95 13.52
N ARG B 235 -4.45 6.00 13.95
CA ARG B 235 -2.98 6.10 14.05
C ARG B 235 -2.49 5.26 15.25
N ARG B 236 -1.19 5.02 15.31
CA ARG B 236 -0.49 4.36 16.44
C ARG B 236 -0.81 5.06 17.76
N ASN B 237 -0.97 6.38 17.74
CA ASN B 237 -1.23 7.22 18.93
C ASN B 237 -2.73 7.19 19.26
N GLY B 238 -3.56 6.57 18.42
CA GLY B 238 -5.00 6.36 18.69
C GLY B 238 -5.90 7.40 18.04
N SER B 239 -5.33 8.45 17.42
CA SER B 239 -6.12 9.51 16.75
C SER B 239 -6.74 8.96 15.46
N LYS B 240 -7.94 9.41 15.11
CA LYS B 240 -8.71 8.96 13.91
C LYS B 240 -8.30 9.78 12.69
N PHE B 241 -8.16 9.15 11.52
CA PHE B 241 -7.90 9.80 10.21
C PHE B 241 -8.80 9.15 9.16
N SER B 242 -9.08 9.87 8.07
CA SER B 242 -10.17 9.55 7.11
C SER B 242 -9.59 9.00 5.81
N VAL B 243 -10.17 7.93 5.27
CA VAL B 243 -9.74 7.33 3.96
C VAL B 243 -10.91 7.47 2.99
N TYR B 244 -10.67 8.20 1.90
CA TYR B 244 -11.70 8.51 0.88
C TYR B 244 -11.57 7.62 -0.37
N ASP B 245 -10.49 6.85 -0.52
CA ASP B 245 -10.23 6.13 -1.78
C ASP B 245 -9.39 4.89 -1.51
N VAL B 246 -9.47 3.90 -2.40
CA VAL B 246 -8.83 2.57 -2.20
C VAL B 246 -7.31 2.67 -2.36
N SER B 247 -6.80 3.71 -3.02
CA SER B 247 -5.35 3.88 -3.37
C SER B 247 -4.44 3.59 -2.16
N ILE B 248 -4.77 4.12 -0.99
CA ILE B 248 -3.87 3.97 0.20
C ILE B 248 -4.22 2.69 0.98
N LEU B 249 -5.31 1.98 0.66
CA LEU B 249 -5.65 0.69 1.31
C LEU B 249 -4.94 -0.48 0.63
N ILE B 250 -4.69 -0.42 -0.68
CA ILE B 250 -4.03 -1.53 -1.43
C ILE B 250 -2.70 -1.90 -0.74
N PRO B 251 -1.89 -0.96 -0.23
CA PRO B 251 -0.71 -1.33 0.56
C PRO B 251 -0.97 -1.93 1.96
N ILE B 252 -2.20 -1.83 2.47
CA ILE B 252 -2.53 -2.16 3.89
C ILE B 252 -3.24 -3.52 3.96
N ILE B 253 -4.20 -3.77 3.06
CA ILE B 253 -5.08 -4.98 3.11
C ILE B 253 -4.66 -5.93 1.98
N ALA B 254 -4.43 -7.21 2.32
CA ALA B 254 -3.91 -8.24 1.40
C ALA B 254 -5.01 -9.19 0.91
N LEU B 255 -6.02 -9.43 1.73
CA LEU B 255 -7.11 -10.42 1.50
C LEU B 255 -8.41 -9.78 1.95
N MET B 256 -9.52 -10.06 1.27
CA MET B 256 -10.87 -9.66 1.72
C MET B 256 -11.75 -10.89 1.81
N VAL B 257 -12.72 -10.90 2.74
CA VAL B 257 -13.78 -11.94 2.82
C VAL B 257 -14.77 -11.61 1.68
N TYR B 258 -15.25 -12.65 0.99
CA TYR B 258 -16.25 -12.56 -0.10
C TYR B 258 -17.52 -11.91 0.45
N ARG B 259 -17.98 -10.83 -0.19
CA ARG B 259 -19.24 -10.13 0.18
C ARG B 259 -20.25 -10.26 -0.97
N CYS B 260 -19.87 -9.84 -2.17
CA CYS B 260 -20.74 -9.83 -3.38
C CYS B 260 -19.94 -10.28 -4.61
N ALA B 261 -20.64 -10.57 -5.72
CA ALA B 261 -20.01 -10.86 -7.03
C ALA B 261 -19.42 -9.58 -7.60
N PRO B 262 -18.37 -9.67 -8.45
CA PRO B 262 -17.85 -8.50 -9.17
C PRO B 262 -18.71 -8.12 -10.39
C10 ZJ7 C . 0.76 11.38 5.41
C13 ZJ7 C . -4.13 10.70 5.96
C15 ZJ7 C . -5.22 12.54 7.16
C17 ZJ7 C . -6.38 13.37 7.70
S01 ZJ7 C . -3.67 12.69 7.37
O02 ZJ7 C . -6.15 14.47 8.24
O03 ZJ7 C . -7.54 12.90 7.63
C04 ZJ7 C . -1.64 11.04 6.42
C05 ZJ7 C . -1.14 9.83 7.22
C06 ZJ7 C . -0.69 11.80 5.53
C07 ZJ7 C . -3.07 11.45 6.56
C08 ZJ7 C . 1.26 10.20 6.21
C09 ZJ7 C . 0.31 9.42 7.10
C11 ZJ7 C . -2.05 9.03 8.15
C12 ZJ7 C . -1.16 12.98 4.74
C14 ZJ7 C . 2.72 9.77 6.09
C16 ZJ7 C . -5.50 11.38 6.34
C1 EDO D . -6.50 25.93 -15.36
O1 EDO D . -7.32 25.67 -14.24
C2 EDO D . -5.58 27.05 -15.10
O2 EDO D . -4.64 27.24 -16.13
C1 EDO E . 2.52 17.73 -29.83
O1 EDO E . 1.39 18.58 -29.90
C2 EDO E . 2.33 16.32 -29.40
O2 EDO E . 1.52 16.09 -28.26
S SO4 F . 14.94 28.92 -10.58
O1 SO4 F . 15.99 29.90 -10.46
O2 SO4 F . 14.12 29.24 -11.71
O3 SO4 F . 14.14 28.92 -9.39
O4 SO4 F . 15.54 27.61 -10.76
C10 ZJ7 G . -3.79 2.58 7.30
C13 ZJ7 G . 0.48 3.40 9.45
C15 ZJ7 G . 0.49 4.86 11.38
C17 ZJ7 G . 1.01 5.57 12.60
S01 ZJ7 G . -0.88 5.09 10.65
O02 ZJ7 G . 2.22 5.32 12.92
O03 ZJ7 G . 0.29 6.41 13.20
C04 ZJ7 G . -1.80 3.89 8.32
C05 ZJ7 G . -1.79 4.81 7.10
C06 ZJ7 G . -2.79 2.76 8.41
C07 ZJ7 G . -0.78 4.10 9.42
C08 ZJ7 G . -3.80 3.49 6.09
C09 ZJ7 G . -2.81 4.65 6.01
C11 ZJ7 G . -0.79 5.95 7.02
C12 ZJ7 G . -2.71 1.82 9.64
C14 ZJ7 G . -4.81 3.25 4.98
C16 ZJ7 G . 1.29 3.88 10.69
C1 EDO H . 1.62 -17.67 26.20
O1 EDO H . 2.21 -18.29 27.33
C2 EDO H . 1.47 -16.22 26.34
O2 EDO H . 2.48 -15.46 25.71
#